data_9BYF
#
_entry.id   9BYF
#
_cell.length_a   101.120
_cell.length_b   162.416
_cell.length_c   126.785
_cell.angle_alpha   90.000
_cell.angle_beta   90.000
_cell.angle_gamma   90.000
#
_symmetry.space_group_name_H-M   'C 2 2 2'
#
loop_
_entity.id
_entity.type
_entity.pdbx_description
1 polymer '221-55 Fab Heavy Chain'
2 polymer '221-55 Fab Light Chain'
3 polymer 'Outer surface protein A'
4 non-polymer 1,2-ETHANEDIOL
5 non-polymer 'CHLORIDE ION'
6 water water
#
loop_
_entity_poly.entity_id
_entity_poly.type
_entity_poly.pdbx_seq_one_letter_code
_entity_poly.pdbx_strand_id
1 'polypeptide(L)'
;EVQLVESGGGLVQPGGSLRLSCAASGFTFRNYWMDWVRQAPGKGLEWVANIKQDGSVKYYVDSVEGRFTISRDNAKNSLF
LQMNSLRAEDTAVYYCARDGYSGYDSVGFDIWGQGTMVTVSSASTKGPSVFPLAPSSKSTSGGTAALGCLVKDYFPEPVT
VSWNSGALTSGVHTFPAVLQSSGLYSLSSVVTVPSSSLGTQTYICNVNHKPSNTKVDKRVEPKSCDKTH
;
H
2 'polypeptide(L)'
;EIVLTQSPGTLSLSPGERATLSCRASQSVSSSYLAWYQQKPGQAPRLLISDTSSRATGIPDRFSGSGSGTDFTLTISRLE
PEDFAVYYCQQYGSSPYTFGQGTKLEIKRTVAAPSVFIFPPSDEQLKSGTASVVCLLNNFYPREAKVQWKVDNALQSGNS
QESVTEQDSKDSTYSLSSTLTLSKADYEKHKVYACEVTHQGLSSPVTKSFNRGEC
;
L
3 'polypeptide(L)'
;KQNVSSLDEKNSVSVDLPGEMKVLVSKEKNKDGKYDLIATVDKLELKGTSDKNNGSGVLEGVKADKSKVKLTISDDLGQT
TLEVFKEDGKTLVSKKVTSKDKSSTEEKFNEKGEVSEKIITRADGTRLEYTGIKSDGSGKAKEVLKGYVLEGTLTAEKTT
LVVKEGTVTLSKNISKSGEVSVELNDTDSSAATKKTAAWNSGTSTLTITVNSKKTKDLVFTKENTITVQQYDSNGTKLEG
SAVEITKLDEIKNALK
;
A
#
loop_
_chem_comp.id
_chem_comp.type
_chem_comp.name
_chem_comp.formula
CL non-polymer 'CHLORIDE ION' 'Cl -1'
EDO non-polymer 1,2-ETHANEDIOL 'C2 H6 O2'
#
# COMPACT_ATOMS: atom_id res chain seq x y z
N GLU A 1 3.30 22.39 7.41
CA GLU A 1 2.55 21.30 6.82
C GLU A 1 3.44 20.07 6.64
N VAL A 2 2.86 18.90 6.87
CA VAL A 2 3.62 17.65 6.83
C VAL A 2 3.79 17.18 5.39
N GLN A 3 5.02 16.89 5.02
CA GLN A 3 5.33 16.36 3.68
C GLN A 3 6.71 15.73 3.70
N LEU A 4 6.95 14.86 2.72
CA LEU A 4 8.23 14.18 2.56
C LEU A 4 8.65 14.24 1.10
N VAL A 5 9.94 14.49 0.87
CA VAL A 5 10.52 14.58 -0.47
C VAL A 5 11.57 13.49 -0.61
N GLU A 6 11.48 12.72 -1.69
CA GLU A 6 12.36 11.59 -1.93
C GLU A 6 13.33 11.89 -3.08
N SER A 7 14.53 11.37 -2.96
CA SER A 7 15.55 11.56 -3.99
C SER A 7 16.59 10.45 -3.87
N GLY A 8 17.37 10.28 -4.93
CA GLY A 8 18.46 9.33 -4.97
C GLY A 8 18.29 8.20 -5.97
N GLY A 9 17.09 8.00 -6.51
CA GLY A 9 16.86 6.93 -7.45
C GLY A 9 17.42 7.22 -8.83
N GLY A 10 17.36 6.21 -9.68
CA GLY A 10 17.85 6.35 -11.04
C GLY A 10 17.98 5.00 -11.71
N LEU A 11 18.67 5.02 -12.85
CA LEU A 11 18.88 3.82 -13.66
C LEU A 11 20.31 3.33 -13.45
N VAL A 12 20.45 2.10 -12.92
CA VAL A 12 21.74 1.50 -12.68
C VAL A 12 21.74 0.07 -13.22
N GLN A 13 22.95 -0.45 -13.41
CA GLN A 13 23.14 -1.81 -13.88
C GLN A 13 22.94 -2.82 -12.76
N PRO A 14 22.62 -4.07 -13.10
CA PRO A 14 22.51 -5.10 -12.05
C PRO A 14 23.82 -5.25 -11.30
N GLY A 15 23.71 -5.45 -9.98
CA GLY A 15 24.87 -5.51 -9.13
C GLY A 15 25.40 -4.17 -8.66
N GLY A 16 24.80 -3.07 -9.12
CA GLY A 16 25.22 -1.75 -8.70
C GLY A 16 24.60 -1.35 -7.38
N SER A 17 24.80 -0.07 -7.03
CA SER A 17 24.31 0.46 -5.77
C SER A 17 23.92 1.92 -5.95
N LEU A 18 23.00 2.37 -5.09
CA LEU A 18 22.58 3.77 -5.05
C LEU A 18 22.00 4.05 -3.68
N ARG A 19 21.96 5.34 -3.32
CA ARG A 19 21.53 5.79 -2.01
C ARG A 19 20.27 6.62 -2.12
N LEU A 20 19.23 6.26 -1.35
CA LEU A 20 18.00 7.02 -1.27
C LEU A 20 18.07 8.08 -0.17
N SER A 21 17.32 9.16 -0.37
CA SER A 21 17.23 10.24 0.59
C SER A 21 15.77 10.66 0.74
N CYS A 22 15.37 10.92 1.98
CA CYS A 22 14.02 11.37 2.30
C CYS A 22 14.11 12.56 3.23
N ALA A 23 13.68 13.73 2.76
CA ALA A 23 13.69 14.96 3.53
C ALA A 23 12.34 15.16 4.19
N ALA A 24 12.35 15.42 5.50
CA ALA A 24 11.14 15.53 6.29
C ALA A 24 10.98 16.94 6.83
N SER A 25 9.75 17.45 6.79
CA SER A 25 9.44 18.78 7.28
C SER A 25 8.00 18.81 7.76
N GLY A 26 7.72 19.78 8.63
CA GLY A 26 6.38 19.98 9.15
C GLY A 26 5.99 19.12 10.32
N PHE A 27 6.91 18.32 10.87
CA PHE A 27 6.60 17.47 12.01
C PHE A 27 7.89 17.14 12.74
N THR A 28 7.74 16.70 13.98
CA THR A 28 8.88 16.31 14.80
C THR A 28 9.43 14.98 14.32
N PHE A 29 10.57 15.02 13.62
CA PHE A 29 11.15 13.82 13.05
C PHE A 29 11.64 12.86 14.13
N ARG A 30 12.08 13.38 15.28
CA ARG A 30 12.66 12.53 16.32
C ARG A 30 11.62 11.66 17.01
N ASN A 31 10.34 11.98 16.89
CA ASN A 31 9.30 11.31 17.66
C ASN A 31 8.60 10.19 16.90
N TYR A 32 9.02 9.91 15.66
CA TYR A 32 8.30 8.98 14.82
C TYR A 32 9.23 7.90 14.26
N TRP A 33 8.74 6.67 14.24
CA TRP A 33 9.36 5.64 13.42
C TRP A 33 9.17 5.97 11.94
N MET A 34 9.99 5.36 11.10
CA MET A 34 9.92 5.60 9.67
C MET A 34 10.08 4.28 8.92
N ASP A 35 9.57 4.26 7.69
CA ASP A 35 9.53 3.03 6.90
C ASP A 35 9.85 3.34 5.45
N TRP A 36 10.31 2.30 4.74
CA TRP A 36 10.49 2.32 3.29
C TRP A 36 9.52 1.33 2.66
N VAL A 37 8.76 1.80 1.67
CA VAL A 37 7.82 0.96 0.95
C VAL A 37 8.09 1.09 -0.54
N ARG A 38 8.19 -0.04 -1.23
CA ARG A 38 8.39 -0.05 -2.67
C ARG A 38 7.17 -0.66 -3.36
N GLN A 39 7.06 -0.37 -4.66
CA GLN A 39 5.93 -0.85 -5.45
C GLN A 39 6.43 -1.10 -6.87
N ALA A 40 6.46 -2.37 -7.27
CA ALA A 40 6.92 -2.73 -8.59
C ALA A 40 5.95 -2.22 -9.66
N PRO A 41 6.41 -2.04 -10.90
CA PRO A 41 5.52 -1.56 -11.96
C PRO A 41 4.29 -2.45 -12.11
N GLY A 42 3.12 -1.85 -11.91
CA GLY A 42 1.88 -2.57 -12.03
C GLY A 42 1.70 -3.68 -11.01
N LYS A 43 2.23 -3.50 -9.80
CA LYS A 43 2.13 -4.49 -8.73
C LYS A 43 1.68 -3.81 -7.45
N GLY A 44 1.55 -4.60 -6.39
CA GLY A 44 1.09 -4.09 -5.12
C GLY A 44 2.19 -3.46 -4.29
N LEU A 45 1.82 -3.08 -3.07
CA LEU A 45 2.75 -2.46 -2.14
C LEU A 45 3.51 -3.51 -1.35
N GLU A 46 4.80 -3.25 -1.12
CA GLU A 46 5.64 -4.14 -0.34
C GLU A 46 6.50 -3.31 0.60
N TRP A 47 6.39 -3.57 1.90
CA TRP A 47 7.24 -2.92 2.88
C TRP A 47 8.68 -3.40 2.73
N VAL A 48 9.63 -2.50 2.97
CA VAL A 48 11.04 -2.81 2.74
C VAL A 48 11.84 -2.74 4.04
N ALA A 49 11.86 -1.57 4.66
CA ALA A 49 12.71 -1.36 5.84
C ALA A 49 11.97 -0.50 6.85
N ASN A 50 12.41 -0.60 8.10
CA ASN A 50 11.85 0.17 9.21
C ASN A 50 12.97 0.58 10.14
N ILE A 51 12.81 1.74 10.76
CA ILE A 51 13.84 2.28 11.66
C ILE A 51 13.17 2.87 12.90
N LYS A 52 13.84 2.72 14.04
CA LYS A 52 13.38 3.30 15.29
C LYS A 52 13.58 4.81 15.28
N GLN A 53 13.07 5.49 16.33
CA GLN A 53 13.23 6.92 16.43
C GLN A 53 14.70 7.32 16.51
N ASP A 54 15.49 6.61 17.30
CA ASP A 54 16.92 6.88 17.43
C ASP A 54 17.77 6.07 16.47
N GLY A 55 17.18 5.20 15.66
CA GLY A 55 17.92 4.42 14.71
C GLY A 55 18.58 3.17 15.27
N SER A 56 18.34 2.84 16.53
CA SER A 56 18.99 1.67 17.12
C SER A 56 18.44 0.37 16.56
N VAL A 57 17.14 0.33 16.26
CA VAL A 57 16.46 -0.88 15.82
C VAL A 57 16.06 -0.72 14.37
N LYS A 58 16.46 -1.67 13.52
CA LYS A 58 16.12 -1.67 12.11
C LYS A 58 15.63 -3.06 11.71
N TYR A 59 14.51 -3.10 10.99
CA TYR A 59 13.94 -4.35 10.48
C TYR A 59 13.87 -4.31 8.96
N TYR A 60 14.04 -5.49 8.35
CA TYR A 60 14.04 -5.61 6.90
C TYR A 60 13.23 -6.84 6.49
N VAL A 61 12.84 -6.88 5.22
CA VAL A 61 12.23 -8.07 4.65
C VAL A 61 13.31 -9.08 4.30
N ASP A 62 12.89 -10.34 4.12
CA ASP A 62 13.84 -11.42 3.85
C ASP A 62 14.64 -11.17 2.57
N SER A 63 14.02 -10.52 1.58
CA SER A 63 14.65 -10.42 0.26
C SER A 63 15.83 -9.45 0.27
N VAL A 64 15.71 -8.32 0.96
CA VAL A 64 16.72 -7.27 0.87
C VAL A 64 17.78 -7.36 1.97
N GLU A 65 17.73 -8.39 2.81
CA GLU A 65 18.67 -8.49 3.92
C GLU A 65 20.09 -8.71 3.40
N GLY A 66 21.05 -8.08 4.07
CA GLY A 66 22.45 -8.18 3.69
C GLY A 66 22.86 -7.30 2.53
N ARG A 67 21.92 -6.56 1.94
CA ARG A 67 22.16 -5.69 0.80
C ARG A 67 21.69 -4.26 1.03
N PHE A 68 20.59 -4.07 1.76
CA PHE A 68 20.02 -2.75 2.01
C PHE A 68 20.27 -2.36 3.47
N THR A 69 20.58 -1.08 3.68
CA THR A 69 20.75 -0.52 5.01
C THR A 69 19.97 0.77 5.11
N ILE A 70 19.22 0.94 6.21
CA ILE A 70 18.40 2.13 6.42
C ILE A 70 18.94 2.88 7.62
N SER A 71 19.20 4.17 7.43
CA SER A 71 19.72 5.04 8.49
C SER A 71 18.93 6.35 8.48
N ARG A 72 19.23 7.20 9.46
CA ARG A 72 18.56 8.49 9.58
C ARG A 72 19.46 9.46 10.33
N ASP A 73 19.15 10.75 10.16
CA ASP A 73 19.84 11.83 10.87
C ASP A 73 18.77 12.75 11.44
N ASN A 74 18.53 12.64 12.75
CA ASN A 74 17.47 13.44 13.37
C ASN A 74 17.77 14.93 13.28
N ALA A 75 19.04 15.31 13.45
CA ALA A 75 19.40 16.72 13.39
C ALA A 75 19.12 17.31 12.01
N LYS A 76 19.46 16.58 10.95
CA LYS A 76 19.26 17.06 9.59
C LYS A 76 17.85 16.79 9.07
N ASN A 77 17.01 16.13 9.86
CA ASN A 77 15.63 15.84 9.47
C ASN A 77 15.57 15.08 8.15
N SER A 78 16.52 14.15 7.96
CA SER A 78 16.62 13.36 6.74
C SER A 78 16.63 11.88 7.11
N LEU A 79 16.48 11.05 6.08
CA LEU A 79 16.56 9.60 6.26
C LEU A 79 16.99 8.97 4.94
N PHE A 80 17.75 7.89 5.06
CA PHE A 80 18.48 7.32 3.92
C PHE A 80 18.23 5.83 3.82
N LEU A 81 18.52 5.28 2.65
CA LEU A 81 18.41 3.85 2.39
C LEU A 81 19.53 3.46 1.43
N GLN A 82 20.63 2.95 1.98
CA GLN A 82 21.70 2.43 1.14
C GLN A 82 21.26 1.10 0.55
N MET A 83 21.44 0.94 -0.77
CA MET A 83 20.95 -0.22 -1.51
C MET A 83 22.10 -0.80 -2.33
N ASN A 84 22.82 -1.75 -1.74
CA ASN A 84 23.94 -2.40 -2.40
C ASN A 84 23.49 -3.69 -3.06
N SER A 85 24.29 -4.15 -4.03
CA SER A 85 24.06 -5.41 -4.75
C SER A 85 22.64 -5.47 -5.32
N LEU A 86 22.34 -4.47 -6.14
CA LEU A 86 20.98 -4.33 -6.67
C LEU A 86 20.69 -5.42 -7.70
N ARG A 87 19.52 -6.04 -7.57
CA ARG A 87 19.02 -7.00 -8.54
C ARG A 87 17.94 -6.38 -9.40
N ALA A 88 17.62 -7.06 -10.51
CA ALA A 88 16.60 -6.54 -11.41
C ALA A 88 15.23 -6.49 -10.75
N GLU A 89 14.95 -7.42 -9.83
CA GLU A 89 13.65 -7.47 -9.15
C GLU A 89 13.46 -6.33 -8.17
N ASP A 90 14.50 -5.54 -7.89
CA ASP A 90 14.40 -4.39 -7.01
C ASP A 90 13.83 -3.17 -7.71
N THR A 91 13.52 -3.27 -9.00
CA THR A 91 12.96 -2.15 -9.76
C THR A 91 11.57 -1.83 -9.24
N ALA A 92 11.43 -0.68 -8.58
CA ALA A 92 10.16 -0.28 -7.99
C ALA A 92 10.22 1.20 -7.63
N VAL A 93 9.05 1.77 -7.36
CA VAL A 93 8.95 3.12 -6.83
C VAL A 93 9.03 3.02 -5.31
N TYR A 94 10.10 3.54 -4.73
CA TYR A 94 10.34 3.42 -3.30
C TYR A 94 9.74 4.63 -2.59
N TYR A 95 8.74 4.38 -1.75
CA TYR A 95 8.04 5.43 -1.02
C TYR A 95 8.57 5.53 0.40
N CYS A 96 9.12 6.69 0.75
CA CYS A 96 9.42 6.98 2.14
C CYS A 96 8.13 7.29 2.89
N ALA A 97 7.95 6.67 4.06
CA ALA A 97 6.69 6.77 4.76
C ALA A 97 6.91 6.95 6.26
N ARG A 98 6.09 7.80 6.86
CA ARG A 98 6.10 7.98 8.31
C ARG A 98 5.23 6.92 8.98
N ASP A 99 5.71 6.40 10.11
CA ASP A 99 4.97 5.34 10.81
C ASP A 99 3.63 5.84 11.31
N GLY A 100 3.60 7.00 11.94
CA GLY A 100 2.38 7.55 12.50
C GLY A 100 2.05 7.07 13.90
N TYR A 101 2.28 5.78 14.17
CA TYR A 101 2.02 5.21 15.50
C TYR A 101 3.15 5.66 16.43
N SER A 102 3.05 6.92 16.86
CA SER A 102 4.04 7.50 17.76
C SER A 102 3.48 7.83 19.13
N GLY A 103 2.23 7.47 19.41
CA GLY A 103 1.64 7.77 20.70
C GLY A 103 0.63 6.73 21.16
N TYR A 104 -0.33 7.16 21.99
CA TYR A 104 -1.31 6.23 22.54
C TYR A 104 -2.30 5.77 21.48
N ASP A 105 -2.70 6.68 20.58
CA ASP A 105 -3.63 6.32 19.53
C ASP A 105 -2.92 5.49 18.46
N SER A 106 -3.51 4.35 18.11
CA SER A 106 -2.92 3.46 17.12
C SER A 106 -3.21 3.99 15.73
N VAL A 107 -2.15 4.28 14.96
CA VAL A 107 -2.26 4.86 13.64
C VAL A 107 -1.39 4.07 12.67
N GLY A 108 -1.89 3.86 11.46
CA GLY A 108 -1.11 3.26 10.40
C GLY A 108 -0.18 4.28 9.77
N PHE A 109 0.34 3.94 8.60
CA PHE A 109 1.30 4.79 7.92
C PHE A 109 0.67 6.13 7.55
N ASP A 110 1.03 7.18 8.30
CA ASP A 110 0.34 8.46 8.19
C ASP A 110 0.66 9.17 6.88
N ILE A 111 1.94 9.26 6.53
CA ILE A 111 2.39 10.13 5.45
C ILE A 111 3.17 9.30 4.43
N TRP A 112 2.93 9.60 3.15
CA TRP A 112 3.65 8.97 2.05
C TRP A 112 4.21 10.05 1.14
N GLY A 113 5.41 9.83 0.62
CA GLY A 113 6.03 10.73 -0.32
C GLY A 113 5.74 10.34 -1.76
N GLN A 114 6.19 11.20 -2.67
CA GLN A 114 5.96 10.95 -4.09
C GLN A 114 6.67 9.68 -4.57
N GLY A 115 7.81 9.36 -3.97
CA GLY A 115 8.56 8.18 -4.36
C GLY A 115 9.59 8.48 -5.43
N THR A 116 10.56 7.57 -5.55
CA THR A 116 11.60 7.66 -6.55
C THR A 116 11.65 6.37 -7.33
N MET A 117 11.65 6.46 -8.66
CA MET A 117 11.64 5.29 -9.52
C MET A 117 13.08 4.83 -9.77
N VAL A 118 13.44 3.69 -9.19
CA VAL A 118 14.73 3.07 -9.45
C VAL A 118 14.52 1.95 -10.46
N THR A 119 15.42 1.88 -11.44
CA THR A 119 15.34 0.88 -12.49
C THR A 119 16.69 0.16 -12.56
N VAL A 120 16.65 -1.16 -12.42
CA VAL A 120 17.85 -1.99 -12.47
C VAL A 120 17.80 -2.80 -13.76
N SER A 121 18.66 -2.44 -14.71
CA SER A 121 18.69 -3.12 -16.00
C SER A 121 20.06 -2.92 -16.62
N SER A 122 20.41 -3.81 -17.55
CA SER A 122 21.65 -3.72 -18.28
C SER A 122 21.53 -2.92 -19.58
N ALA A 123 20.33 -2.50 -19.94
CA ALA A 123 20.12 -1.77 -21.18
C ALA A 123 20.58 -0.33 -21.05
N SER A 124 21.16 0.20 -22.11
CA SER A 124 21.61 1.59 -22.13
C SER A 124 20.45 2.52 -22.47
N THR A 125 20.70 3.82 -22.30
CA THR A 125 19.69 4.81 -22.64
C THR A 125 19.49 4.85 -24.15
N LYS A 126 18.23 4.84 -24.58
CA LYS A 126 17.87 4.74 -26.00
C LYS A 126 16.89 5.84 -26.36
N GLY A 127 17.07 6.41 -27.55
CA GLY A 127 16.16 7.41 -28.06
C GLY A 127 15.09 6.79 -28.92
N PRO A 128 13.84 7.24 -28.75
CA PRO A 128 12.72 6.63 -29.47
C PRO A 128 12.77 6.93 -30.96
N SER A 129 12.20 6.03 -31.74
CA SER A 129 11.96 6.21 -33.16
C SER A 129 10.47 6.38 -33.38
N VAL A 130 10.07 7.51 -33.98
CA VAL A 130 8.67 7.88 -34.11
C VAL A 130 8.25 7.69 -35.56
N PHE A 131 7.17 6.95 -35.76
CA PHE A 131 6.62 6.70 -37.08
C PHE A 131 5.15 7.10 -37.11
N PRO A 132 4.69 7.72 -38.20
CA PRO A 132 3.29 8.13 -38.29
C PRO A 132 2.36 6.94 -38.49
N LEU A 133 1.11 7.15 -38.15
CA LEU A 133 0.05 6.14 -38.32
C LEU A 133 -1.01 6.74 -39.23
N ALA A 134 -0.82 6.59 -40.54
CA ALA A 134 -1.75 7.13 -41.50
C ALA A 134 -3.05 6.31 -41.52
N PRO A 135 -4.19 6.97 -41.78
CA PRO A 135 -5.48 6.29 -41.83
C PRO A 135 -5.80 5.75 -43.23
N GLY A 143 -16.89 8.27 -41.18
CA GLY A 143 -17.37 9.41 -40.43
C GLY A 143 -16.33 10.00 -39.50
N THR A 144 -15.66 9.14 -38.75
CA THR A 144 -14.63 9.53 -37.81
C THR A 144 -13.32 8.85 -38.19
N ALA A 145 -12.27 9.65 -38.35
CA ALA A 145 -10.95 9.15 -38.72
C ALA A 145 -10.04 9.04 -37.51
N ALA A 146 -9.02 8.20 -37.64
CA ALA A 146 -8.07 7.94 -36.57
C ALA A 146 -6.65 8.21 -37.05
N LEU A 147 -5.89 8.91 -36.21
CA LEU A 147 -4.48 9.22 -36.48
C LEU A 147 -3.66 8.87 -35.24
N GLY A 148 -2.36 8.75 -35.43
CA GLY A 148 -1.52 8.42 -34.29
C GLY A 148 -0.04 8.50 -34.61
N CYS A 149 0.76 8.45 -33.55
CA CYS A 149 2.21 8.37 -33.62
C CYS A 149 2.66 7.14 -32.84
N LEU A 150 3.59 6.39 -33.42
CA LEU A 150 4.14 5.19 -32.79
C LEU A 150 5.60 5.43 -32.45
N VAL A 151 5.91 5.42 -31.16
CA VAL A 151 7.28 5.50 -30.67
C VAL A 151 7.73 4.11 -30.24
N LYS A 152 8.94 3.73 -30.64
CA LYS A 152 9.42 2.38 -30.38
C LYS A 152 10.92 2.43 -30.12
N ASP A 153 11.39 1.39 -29.41
CA ASP A 153 12.81 1.18 -29.15
C ASP A 153 13.43 2.38 -28.42
N TYR A 154 12.93 2.62 -27.21
CA TYR A 154 13.47 3.66 -26.35
C TYR A 154 13.62 3.11 -24.93
N PHE A 155 14.54 3.70 -24.18
CA PHE A 155 14.82 3.28 -22.82
C PHE A 155 15.54 4.41 -22.10
N PRO A 156 15.18 4.73 -20.85
CA PRO A 156 14.10 4.15 -20.05
C PRO A 156 12.82 4.99 -20.10
N GLU A 157 11.86 4.68 -19.24
CA GLU A 157 10.66 5.48 -19.11
C GLU A 157 10.98 6.80 -18.40
N PRO A 158 10.13 7.82 -18.54
CA PRO A 158 8.89 7.88 -19.32
C PRO A 158 9.01 8.69 -20.62
N VAL A 159 7.97 8.67 -21.43
CA VAL A 159 7.87 9.50 -22.63
C VAL A 159 6.53 10.22 -22.58
N THR A 160 6.55 11.54 -22.76
CA THR A 160 5.35 12.34 -22.80
C THR A 160 5.05 12.74 -24.23
N VAL A 161 3.81 12.49 -24.68
CA VAL A 161 3.38 12.78 -26.03
C VAL A 161 2.27 13.82 -25.98
N SER A 162 2.42 14.88 -26.77
CA SER A 162 1.42 15.93 -26.88
C SER A 162 1.12 16.19 -28.35
N TRP A 163 -0.13 16.53 -28.62
CA TRP A 163 -0.58 16.79 -29.98
C TRP A 163 -0.85 18.28 -30.17
N ASN A 164 -0.30 18.85 -31.25
CA ASN A 164 -0.45 20.26 -31.57
C ASN A 164 0.00 21.15 -30.41
N SER A 165 1.12 20.77 -29.78
CA SER A 165 1.71 21.52 -28.67
C SER A 165 0.71 21.70 -27.52
N GLY A 166 -0.09 20.67 -27.27
CA GLY A 166 -1.07 20.70 -26.21
C GLY A 166 -2.41 21.30 -26.58
N ALA A 167 -2.55 21.81 -27.80
CA ALA A 167 -3.84 22.35 -28.22
C ALA A 167 -4.88 21.25 -28.41
N LEU A 168 -4.47 20.13 -28.99
CA LEU A 168 -5.36 19.00 -29.24
C LEU A 168 -5.33 18.09 -28.02
N THR A 169 -6.44 18.03 -27.29
CA THR A 169 -6.54 17.24 -26.08
C THR A 169 -7.70 16.26 -26.09
N SER A 170 -8.84 16.65 -26.67
CA SER A 170 -9.98 15.76 -26.73
C SER A 170 -9.71 14.59 -27.67
N GLY A 171 -10.09 13.39 -27.23
CA GLY A 171 -9.90 12.21 -28.05
C GLY A 171 -8.47 11.74 -28.17
N VAL A 172 -7.58 12.20 -27.29
CA VAL A 172 -6.17 11.83 -27.31
C VAL A 172 -5.97 10.69 -26.32
N HIS A 173 -5.36 9.60 -26.79
CA HIS A 173 -5.12 8.42 -25.97
C HIS A 173 -3.65 8.04 -26.09
N THR A 174 -2.89 8.29 -25.02
CA THR A 174 -1.49 7.89 -24.93
C THR A 174 -1.43 6.56 -24.19
N PHE A 175 -1.12 5.49 -24.91
CA PHE A 175 -1.15 4.16 -24.35
C PHE A 175 0.07 3.91 -23.47
N PRO A 176 -0.09 3.17 -22.37
CA PRO A 176 1.06 2.81 -21.55
C PRO A 176 2.07 1.99 -22.33
N ALA A 177 3.35 2.22 -22.05
CA ALA A 177 4.41 1.54 -22.77
C ALA A 177 4.44 0.06 -22.44
N VAL A 178 4.75 -0.76 -23.44
CA VAL A 178 4.90 -2.20 -23.28
C VAL A 178 6.36 -2.56 -23.52
N LEU A 179 6.88 -3.47 -22.69
CA LEU A 179 8.26 -3.92 -22.81
C LEU A 179 8.37 -4.97 -23.91
N GLN A 180 9.22 -4.70 -24.89
CA GLN A 180 9.48 -5.66 -25.95
C GLN A 180 10.54 -6.66 -25.49
N SER A 181 10.73 -7.70 -26.32
CA SER A 181 11.72 -8.73 -26.00
C SER A 181 13.14 -8.19 -26.01
N SER A 182 13.38 -7.05 -26.65
CA SER A 182 14.69 -6.44 -26.68
C SER A 182 14.98 -5.59 -25.46
N GLY A 183 14.03 -5.45 -24.53
CA GLY A 183 14.23 -4.63 -23.36
C GLY A 183 13.95 -3.15 -23.56
N LEU A 184 13.43 -2.76 -24.71
CA LEU A 184 13.15 -1.36 -25.01
C LEU A 184 11.64 -1.13 -25.00
N TYR A 185 11.23 -0.02 -24.40
CA TYR A 185 9.81 0.29 -24.28
C TYR A 185 9.23 0.71 -25.63
N SER A 186 7.90 0.67 -25.72
CA SER A 186 7.20 1.03 -26.94
C SER A 186 5.76 1.38 -26.59
N LEU A 187 5.27 2.50 -27.13
CA LEU A 187 3.90 2.92 -26.89
C LEU A 187 3.39 3.68 -28.11
N SER A 188 2.08 3.81 -28.18
CA SER A 188 1.42 4.53 -29.27
C SER A 188 0.47 5.57 -28.70
N SER A 189 0.48 6.75 -29.30
CA SER A 189 -0.47 7.82 -28.97
C SER A 189 -1.38 8.02 -30.17
N VAL A 190 -2.69 7.93 -29.94
CA VAL A 190 -3.67 7.98 -31.02
C VAL A 190 -4.65 9.13 -30.75
N VAL A 191 -5.21 9.64 -31.83
CA VAL A 191 -6.20 10.72 -31.78
C VAL A 191 -7.37 10.36 -32.67
N THR A 192 -8.59 10.57 -32.17
CA THR A 192 -9.81 10.37 -32.94
C THR A 192 -10.37 11.73 -33.30
N VAL A 193 -10.42 12.03 -34.60
CA VAL A 193 -10.83 13.35 -35.08
C VAL A 193 -11.90 13.14 -36.15
N PRO A 194 -12.80 14.10 -36.36
CA PRO A 194 -13.77 13.96 -37.45
C PRO A 194 -13.07 13.82 -38.80
N SER A 195 -13.66 12.98 -39.67
CA SER A 195 -13.06 12.73 -40.97
C SER A 195 -13.02 13.98 -41.83
N SER A 196 -13.98 14.90 -41.64
CA SER A 196 -13.96 16.15 -42.37
C SER A 196 -12.78 17.05 -41.98
N SER A 197 -12.25 16.87 -40.76
CA SER A 197 -11.12 17.67 -40.32
C SER A 197 -9.82 17.30 -41.03
N LEU A 198 -9.78 16.15 -41.69
CA LEU A 198 -8.58 15.74 -42.42
C LEU A 198 -8.32 16.67 -43.60
N GLY A 199 -7.08 17.05 -43.77
CA GLY A 199 -6.70 18.02 -44.80
C GLY A 199 -6.87 19.47 -44.37
N THR A 200 -8.01 19.77 -43.73
CA THR A 200 -8.23 21.11 -43.20
C THR A 200 -7.27 21.42 -42.06
N GLN A 201 -7.00 20.43 -41.21
N GLN A 201 -7.00 20.43 -41.21
CA GLN A 201 -6.16 20.61 -40.03
CA GLN A 201 -6.17 20.62 -40.02
C GLN A 201 -4.85 19.86 -40.18
C GLN A 201 -4.86 19.85 -40.16
N THR A 202 -3.80 20.41 -39.58
CA THR A 202 -2.48 19.81 -39.57
C THR A 202 -2.18 19.34 -38.15
N TYR A 203 -1.73 18.09 -38.03
CA TYR A 203 -1.56 17.44 -36.73
C TYR A 203 -0.08 17.25 -36.44
N ILE A 204 0.37 17.82 -35.32
CA ILE A 204 1.75 17.70 -34.86
C ILE A 204 1.74 16.85 -33.60
N CYS A 205 2.54 15.80 -33.57
CA CYS A 205 2.72 15.00 -32.37
C CYS A 205 4.12 15.25 -31.81
N ASN A 206 4.18 15.57 -30.51
CA ASN A 206 5.42 15.99 -29.87
C ASN A 206 5.78 14.97 -28.80
N VAL A 207 6.88 14.25 -28.99
CA VAL A 207 7.35 13.28 -28.02
C VAL A 207 8.50 13.90 -27.23
N ASN A 208 8.60 13.50 -25.97
CA ASN A 208 9.59 14.07 -25.04
C ASN A 208 10.21 12.94 -24.25
N HIS A 209 11.46 12.60 -24.57
CA HIS A 209 12.23 11.62 -23.81
C HIS A 209 13.32 12.38 -23.05
N LYS A 210 12.98 12.85 -21.85
CA LYS A 210 13.94 13.58 -21.04
C LYS A 210 15.21 12.79 -20.72
N PRO A 211 15.18 11.49 -20.39
CA PRO A 211 16.43 10.79 -20.10
C PRO A 211 17.44 10.84 -21.24
N SER A 212 16.99 10.78 -22.49
CA SER A 212 17.87 10.88 -23.64
C SER A 212 17.90 12.28 -24.25
N ASN A 213 17.11 13.22 -23.72
CA ASN A 213 17.03 14.58 -24.23
C ASN A 213 16.69 14.59 -25.72
N THR A 214 15.63 13.87 -26.07
CA THR A 214 15.18 13.75 -27.45
C THR A 214 13.91 14.57 -27.65
N LYS A 215 13.92 15.41 -28.68
CA LYS A 215 12.76 16.21 -29.08
C LYS A 215 12.45 15.91 -30.53
N VAL A 216 11.27 15.33 -30.78
CA VAL A 216 10.84 14.99 -32.13
C VAL A 216 9.40 15.45 -32.32
N ASP A 217 9.16 16.21 -33.39
CA ASP A 217 7.82 16.61 -33.79
C ASP A 217 7.50 15.92 -35.12
N LYS A 218 6.46 15.08 -35.11
CA LYS A 218 6.12 14.26 -36.26
C LYS A 218 4.76 14.68 -36.82
N ARG A 219 4.65 14.64 -38.15
CA ARG A 219 3.45 15.03 -38.87
C ARG A 219 2.86 13.82 -39.57
N VAL A 220 1.55 13.62 -39.41
CA VAL A 220 0.83 12.50 -39.99
C VAL A 220 -0.16 13.03 -41.01
N GLU A 221 -0.08 12.51 -42.23
CA GLU A 221 -1.00 12.87 -43.30
C GLU A 221 -1.60 11.60 -43.89
N PRO A 222 -2.84 11.68 -44.39
CA PRO A 222 -3.53 10.46 -44.85
C PRO A 222 -2.78 9.69 -45.93
N LYS A 223 -2.15 10.38 -46.88
CA LYS A 223 -1.51 9.74 -48.03
C LYS A 223 -2.50 8.83 -48.75
N GLU B 1 4.86 -15.31 8.95
CA GLU B 1 4.44 -14.21 8.08
C GLU B 1 2.93 -14.26 7.83
N ILE B 2 2.27 -13.13 8.07
CA ILE B 2 0.83 -13.01 7.85
C ILE B 2 0.57 -12.58 6.42
N VAL B 3 -0.30 -13.31 5.74
CA VAL B 3 -0.62 -13.07 4.33
C VAL B 3 -2.07 -12.57 4.25
N LEU B 4 -2.26 -11.43 3.61
CA LEU B 4 -3.57 -10.82 3.47
C LEU B 4 -4.09 -11.01 2.05
N THR B 5 -5.33 -11.48 1.94
CA THR B 5 -5.97 -11.73 0.66
C THR B 5 -7.18 -10.81 0.53
N GLN B 6 -7.27 -10.10 -0.59
CA GLN B 6 -8.34 -9.15 -0.85
C GLN B 6 -9.31 -9.72 -1.87
N SER B 7 -10.60 -9.52 -1.63
CA SER B 7 -11.64 -9.94 -2.55
C SER B 7 -12.63 -8.81 -2.77
N PRO B 8 -13.12 -8.63 -4.01
CA PRO B 8 -12.78 -9.39 -5.21
C PRO B 8 -11.52 -8.87 -5.87
N GLY B 9 -11.19 -9.31 -7.08
CA GLY B 9 -10.08 -8.74 -7.81
C GLY B 9 -10.38 -7.32 -8.22
N THR B 10 -11.46 -7.14 -8.98
CA THR B 10 -12.00 -5.82 -9.31
C THR B 10 -13.50 -5.81 -9.01
N LEU B 11 -14.00 -4.64 -8.66
CA LEU B 11 -15.42 -4.46 -8.35
C LEU B 11 -15.96 -3.32 -9.19
N SER B 12 -16.90 -3.64 -10.09
CA SER B 12 -17.43 -2.67 -11.04
C SER B 12 -18.77 -2.15 -10.53
N LEU B 13 -18.74 -0.95 -9.96
CA LEU B 13 -19.92 -0.30 -9.40
C LEU B 13 -20.13 1.07 -10.03
N SER B 14 -21.38 1.51 -10.06
CA SER B 14 -21.71 2.85 -10.52
C SER B 14 -21.55 3.85 -9.37
N PRO B 15 -21.29 5.12 -9.67
CA PRO B 15 -21.23 6.13 -8.62
C PRO B 15 -22.57 6.22 -7.89
N GLY B 16 -22.49 6.41 -6.57
CA GLY B 16 -23.67 6.46 -5.73
C GLY B 16 -24.06 5.13 -5.12
N GLU B 17 -23.48 4.02 -5.58
CA GLU B 17 -23.75 2.72 -5.00
C GLU B 17 -22.94 2.53 -3.72
N ARG B 18 -23.05 1.35 -3.12
CA ARG B 18 -22.30 1.00 -1.92
C ARG B 18 -21.32 -0.11 -2.27
N ALA B 19 -20.03 0.13 -1.98
CA ALA B 19 -18.97 -0.81 -2.28
C ALA B 19 -18.50 -1.47 -0.99
N THR B 20 -18.47 -2.80 -0.99
CA THR B 20 -18.00 -3.57 0.16
C THR B 20 -16.69 -4.25 -0.23
N LEU B 21 -15.63 -3.96 0.53
CA LEU B 21 -14.30 -4.49 0.26
C LEU B 21 -13.87 -5.34 1.43
N SER B 22 -13.53 -6.60 1.17
CA SER B 22 -13.18 -7.56 2.21
C SER B 22 -11.72 -7.94 2.09
N CYS B 23 -11.06 -8.09 3.25
N CYS B 23 -11.07 -8.14 3.24
CA CYS B 23 -9.67 -8.52 3.31
CA CYS B 23 -9.67 -8.51 3.31
C CYS B 23 -9.58 -9.72 4.24
C CYS B 23 -9.51 -9.69 4.26
N ARG B 24 -8.95 -10.79 3.77
CA ARG B 24 -8.81 -12.02 4.54
C ARG B 24 -7.36 -12.21 4.96
N ALA B 25 -7.18 -12.66 6.20
CA ALA B 25 -5.86 -12.88 6.77
C ALA B 25 -5.63 -14.37 7.01
N SER B 26 -4.39 -14.81 6.78
CA SER B 26 -4.04 -16.21 7.02
C SER B 26 -4.05 -16.56 8.50
N GLN B 27 -3.97 -15.56 9.38
CA GLN B 27 -4.03 -15.79 10.82
C GLN B 27 -4.97 -14.78 11.46
N SER B 28 -4.97 -14.71 12.78
CA SER B 28 -5.82 -13.77 13.51
C SER B 28 -5.05 -12.46 13.70
N VAL B 29 -5.54 -11.39 13.08
CA VAL B 29 -4.93 -10.07 13.18
C VAL B 29 -5.69 -9.27 14.21
N SER B 30 -4.97 -8.66 15.14
CA SER B 30 -5.60 -7.81 16.15
C SER B 30 -6.27 -6.61 15.49
N SER B 31 -7.40 -6.19 16.06
CA SER B 31 -8.15 -5.07 15.52
C SER B 31 -7.41 -3.74 15.67
N SER B 32 -6.35 -3.70 16.45
CA SER B 32 -5.58 -2.48 16.65
C SER B 32 -4.42 -2.32 15.66
N TYR B 33 -4.22 -3.29 14.78
CA TYR B 33 -3.07 -3.28 13.86
C TYR B 33 -3.51 -3.61 12.45
N LEU B 34 -4.58 -2.97 11.98
CA LEU B 34 -5.02 -3.11 10.59
C LEU B 34 -5.34 -1.75 10.02
N ALA B 35 -4.98 -1.55 8.75
CA ALA B 35 -5.17 -0.26 8.09
C ALA B 35 -5.68 -0.49 6.67
N TRP B 36 -6.33 0.55 6.15
CA TRP B 36 -6.82 0.57 4.77
C TRP B 36 -6.19 1.75 4.05
N TYR B 37 -5.78 1.52 2.80
CA TYR B 37 -5.09 2.53 2.01
C TYR B 37 -5.75 2.67 0.64
N GLN B 38 -5.69 3.89 0.11
CA GLN B 38 -6.19 4.18 -1.23
C GLN B 38 -5.05 4.73 -2.07
N GLN B 39 -4.90 4.20 -3.28
CA GLN B 39 -3.89 4.68 -4.22
C GLN B 39 -4.57 4.96 -5.55
N LYS B 40 -4.68 6.24 -5.90
CA LYS B 40 -5.08 6.59 -7.25
C LYS B 40 -3.89 6.43 -8.19
N PRO B 41 -4.14 6.09 -9.46
CA PRO B 41 -3.03 5.81 -10.37
C PRO B 41 -2.14 7.03 -10.57
N GLY B 42 -0.84 6.77 -10.65
CA GLY B 42 0.15 7.82 -10.84
C GLY B 42 0.47 8.63 -9.61
N GLN B 43 -0.09 8.28 -8.46
CA GLN B 43 0.11 9.03 -7.22
C GLN B 43 0.43 8.06 -6.09
N ALA B 44 0.93 8.62 -4.99
CA ALA B 44 1.28 7.82 -3.84
C ALA B 44 0.04 7.33 -3.11
N PRO B 45 0.12 6.21 -2.40
CA PRO B 45 -1.02 5.75 -1.60
C PRO B 45 -1.33 6.70 -0.46
N ARG B 46 -2.59 6.69 -0.04
CA ARG B 46 -3.07 7.55 1.04
C ARG B 46 -3.72 6.68 2.12
N LEU B 47 -3.43 7.02 3.38
CA LEU B 47 -3.98 6.26 4.51
C LEU B 47 -5.44 6.64 4.73
N LEU B 48 -6.33 5.65 4.65
CA LEU B 48 -7.75 5.87 4.86
C LEU B 48 -8.18 5.59 6.30
N ILE B 49 -7.96 4.36 6.76
CA ILE B 49 -8.47 3.89 8.04
C ILE B 49 -7.32 3.24 8.81
N SER B 50 -7.29 3.49 10.12
CA SER B 50 -6.39 2.78 11.03
C SER B 50 -7.22 2.31 12.22
N ASP B 51 -6.71 1.27 12.90
CA ASP B 51 -7.38 0.63 14.01
C ASP B 51 -8.72 0.01 13.60
N THR B 52 -8.95 -0.10 12.28
CA THR B 52 -10.19 -0.60 11.69
C THR B 52 -11.37 0.33 11.96
N SER B 53 -11.15 1.39 12.72
CA SER B 53 -12.22 2.34 12.98
C SER B 53 -11.82 3.79 12.75
N SER B 54 -10.60 4.16 13.10
CA SER B 54 -10.18 5.56 12.99
C SER B 54 -10.04 5.94 11.52
N ARG B 55 -10.56 7.11 11.17
CA ARG B 55 -10.61 7.56 9.78
C ARG B 55 -9.42 8.42 9.38
N ALA B 56 -8.45 8.63 10.28
CA ALA B 56 -7.15 9.22 9.95
C ALA B 56 -7.29 10.65 9.42
N THR B 57 -7.95 11.49 10.22
CA THR B 57 -7.86 12.95 10.15
C THR B 57 -8.01 13.49 8.72
N GLY B 58 -9.19 13.29 8.16
CA GLY B 58 -9.51 13.95 6.91
C GLY B 58 -10.29 13.15 5.90
N ILE B 59 -10.69 11.95 6.27
CA ILE B 59 -11.44 11.06 5.38
C ILE B 59 -12.93 11.21 5.71
N PRO B 60 -13.81 11.36 4.72
CA PRO B 60 -15.24 11.54 5.01
C PRO B 60 -15.88 10.33 5.68
N ASP B 61 -17.15 10.46 6.05
CA ASP B 61 -17.86 9.40 6.76
C ASP B 61 -18.32 8.27 5.86
N ARG B 62 -18.22 8.42 4.54
CA ARG B 62 -18.62 7.35 3.64
C ARG B 62 -17.75 6.11 3.85
N PHE B 63 -16.44 6.31 4.00
CA PHE B 63 -15.55 5.19 4.25
C PHE B 63 -15.73 4.70 5.69
N SER B 64 -15.91 3.39 5.84
CA SER B 64 -16.13 2.79 7.15
C SER B 64 -15.48 1.41 7.19
N GLY B 65 -14.63 1.19 8.20
CA GLY B 65 -13.99 -0.09 8.40
C GLY B 65 -14.64 -0.88 9.53
N SER B 66 -14.60 -2.20 9.40
CA SER B 66 -15.20 -3.08 10.40
C SER B 66 -14.51 -4.44 10.31
N GLY B 67 -14.95 -5.36 11.16
CA GLY B 67 -14.43 -6.70 11.18
C GLY B 67 -13.45 -6.92 12.33
N SER B 68 -13.16 -8.21 12.57
CA SER B 68 -12.24 -8.59 13.61
C SER B 68 -11.73 -10.00 13.31
N GLY B 69 -10.62 -10.35 13.97
CA GLY B 69 -10.05 -11.68 13.83
C GLY B 69 -9.50 -11.99 12.45
N THR B 70 -10.19 -12.86 11.71
CA THR B 70 -9.71 -13.33 10.43
C THR B 70 -10.19 -12.47 9.26
N ASP B 71 -11.42 -11.97 9.33
CA ASP B 71 -12.05 -11.25 8.22
C ASP B 71 -12.23 -9.79 8.59
N PHE B 72 -11.84 -8.90 7.67
CA PHE B 72 -11.98 -7.46 7.84
C PHE B 72 -12.61 -6.87 6.59
N THR B 73 -13.51 -5.90 6.78
CA THR B 73 -14.26 -5.31 5.68
C THR B 73 -14.17 -3.79 5.73
N LEU B 74 -14.11 -3.18 4.55
CA LEU B 74 -14.19 -1.73 4.39
C LEU B 74 -15.31 -1.41 3.42
N THR B 75 -16.24 -0.56 3.83
CA THR B 75 -17.41 -0.23 3.04
C THR B 75 -17.44 1.26 2.74
N ILE B 76 -17.73 1.61 1.49
CA ILE B 76 -17.93 3.00 1.08
C ILE B 76 -19.43 3.16 0.82
N SER B 77 -20.08 3.99 1.64
CA SER B 77 -21.53 4.07 1.63
C SER B 77 -22.06 4.57 0.29
N ARG B 78 -21.72 5.82 -0.06
CA ARG B 78 -22.18 6.43 -1.30
C ARG B 78 -20.96 6.76 -2.15
N LEU B 79 -20.77 6.00 -3.23
CA LEU B 79 -19.57 6.15 -4.04
C LEU B 79 -19.58 7.48 -4.79
N GLU B 80 -18.40 8.07 -4.92
CA GLU B 80 -18.16 9.28 -5.69
C GLU B 80 -17.12 9.01 -6.75
N PRO B 81 -17.11 9.78 -7.85
CA PRO B 81 -16.20 9.45 -8.96
C PRO B 81 -14.74 9.41 -8.58
N GLU B 82 -14.33 10.14 -7.53
CA GLU B 82 -12.95 10.13 -7.10
C GLU B 82 -12.61 8.96 -6.19
N ASP B 83 -13.60 8.14 -5.82
CA ASP B 83 -13.39 7.00 -4.95
C ASP B 83 -12.99 5.73 -5.69
N PHE B 84 -12.94 5.78 -7.02
CA PHE B 84 -12.72 4.58 -7.83
C PHE B 84 -11.23 4.35 -8.07
N ALA B 85 -10.49 4.26 -6.97
CA ALA B 85 -9.07 3.98 -6.97
C ALA B 85 -8.82 2.53 -6.55
N VAL B 86 -7.55 2.17 -6.37
CA VAL B 86 -7.17 0.85 -5.89
C VAL B 86 -7.03 0.91 -4.37
N TYR B 87 -7.62 -0.06 -3.68
CA TYR B 87 -7.66 -0.10 -2.24
C TYR B 87 -6.84 -1.27 -1.70
N TYR B 88 -6.14 -1.04 -0.59
CA TYR B 88 -5.21 -2.01 -0.02
C TYR B 88 -5.52 -2.23 1.45
N CYS B 89 -5.43 -3.48 1.88
N CYS B 89 -5.41 -3.49 1.88
CA CYS B 89 -5.55 -3.83 3.29
CA CYS B 89 -5.55 -3.87 3.29
C CYS B 89 -4.16 -4.18 3.81
C CYS B 89 -4.17 -4.22 3.84
N GLN B 90 -3.82 -3.61 4.97
CA GLN B 90 -2.49 -3.79 5.54
C GLN B 90 -2.58 -4.02 7.05
N GLN B 91 -1.72 -4.90 7.54
CA GLN B 91 -1.51 -5.09 8.97
C GLN B 91 -0.12 -4.60 9.33
N TYR B 92 0.00 -4.03 10.53
CA TYR B 92 1.27 -3.47 10.98
C TYR B 92 1.56 -3.88 12.42
N GLY B 93 1.29 -5.14 12.75
CA GLY B 93 1.58 -5.65 14.07
C GLY B 93 2.93 -6.30 14.17
N SER B 94 3.20 -7.25 13.27
CA SER B 94 4.45 -8.01 13.27
C SER B 94 5.11 -7.92 11.90
N SER B 95 6.42 -7.73 11.90
CA SER B 95 7.16 -7.69 10.65
C SER B 95 7.22 -9.08 10.02
N PRO B 96 7.18 -9.17 8.69
CA PRO B 96 7.06 -8.07 7.72
C PRO B 96 5.63 -7.52 7.65
N TYR B 97 5.49 -6.21 7.48
CA TYR B 97 4.17 -5.58 7.41
C TYR B 97 3.63 -5.76 5.99
N THR B 98 2.66 -6.64 5.83
CA THR B 98 2.21 -7.10 4.52
C THR B 98 0.96 -6.35 4.09
N PHE B 99 0.87 -6.11 2.77
CA PHE B 99 -0.29 -5.50 2.14
C PHE B 99 -1.08 -6.56 1.39
N GLY B 100 -2.35 -6.25 1.14
CA GLY B 100 -3.15 -7.08 0.26
C GLY B 100 -2.75 -6.90 -1.20
N GLN B 101 -3.19 -7.85 -2.03
CA GLN B 101 -2.87 -7.77 -3.45
C GLN B 101 -3.55 -6.59 -4.13
N GLY B 102 -4.59 -6.04 -3.53
CA GLY B 102 -5.23 -4.85 -4.07
C GLY B 102 -6.53 -5.12 -4.81
N THR B 103 -7.49 -4.22 -4.65
CA THR B 103 -8.77 -4.29 -5.36
C THR B 103 -8.95 -3.03 -6.19
N LYS B 104 -9.24 -3.21 -7.48
CA LYS B 104 -9.47 -2.10 -8.39
C LYS B 104 -10.96 -1.78 -8.40
N LEU B 105 -11.32 -0.64 -7.83
CA LEU B 105 -12.71 -0.17 -7.84
C LEU B 105 -12.94 0.57 -9.16
N GLU B 106 -13.72 -0.02 -10.05
CA GLU B 106 -13.93 0.50 -11.39
C GLU B 106 -15.36 0.99 -11.55
N ILE B 107 -15.52 2.11 -12.25
CA ILE B 107 -16.85 2.64 -12.51
C ILE B 107 -17.58 1.71 -13.48
N LYS B 108 -18.80 1.33 -13.12
CA LYS B 108 -19.62 0.48 -13.98
C LYS B 108 -20.54 1.35 -14.81
N ARG B 109 -20.40 1.25 -16.13
CA ARG B 109 -21.21 2.02 -17.07
C ARG B 109 -21.86 1.05 -18.05
N THR B 110 -22.68 1.60 -18.94
CA THR B 110 -23.32 0.79 -19.97
C THR B 110 -22.28 0.23 -20.93
N VAL B 111 -22.56 -0.98 -21.42
CA VAL B 111 -21.61 -1.67 -22.29
C VAL B 111 -21.47 -0.93 -23.61
N ALA B 112 -20.24 -0.60 -23.98
CA ALA B 112 -19.95 0.15 -25.19
C ALA B 112 -19.04 -0.67 -26.08
N ALA B 113 -19.44 -0.83 -27.34
CA ALA B 113 -18.61 -1.54 -28.31
C ALA B 113 -17.47 -0.66 -28.79
N PRO B 114 -16.31 -1.24 -29.08
CA PRO B 114 -15.16 -0.45 -29.53
C PRO B 114 -15.29 0.00 -30.98
N SER B 115 -14.55 1.06 -31.30
CA SER B 115 -14.32 1.47 -32.68
C SER B 115 -12.93 1.00 -33.07
N VAL B 116 -12.85 0.18 -34.12
CA VAL B 116 -11.64 -0.54 -34.47
C VAL B 116 -11.03 0.09 -35.71
N PHE B 117 -9.74 0.42 -35.63
CA PHE B 117 -8.98 0.96 -36.75
C PHE B 117 -7.68 0.19 -36.89
N ILE B 118 -7.21 0.06 -38.12
CA ILE B 118 -5.99 -0.69 -38.44
C ILE B 118 -5.01 0.24 -39.16
N PHE B 119 -3.76 0.22 -38.71
CA PHE B 119 -2.73 1.08 -39.28
C PHE B 119 -1.65 0.24 -39.94
N PRO B 120 -1.39 0.40 -41.23
CA PRO B 120 -0.27 -0.30 -41.87
C PRO B 120 1.05 0.27 -41.39
N PRO B 121 2.14 -0.50 -41.48
CA PRO B 121 3.44 0.02 -41.06
C PRO B 121 3.88 1.19 -41.92
N SER B 122 4.59 2.13 -41.29
CA SER B 122 5.06 3.31 -41.98
C SER B 122 6.11 2.94 -43.02
N ASP B 123 6.08 3.65 -44.16
CA ASP B 123 7.07 3.41 -45.21
C ASP B 123 8.47 3.73 -44.72
N GLU B 124 8.62 4.72 -43.83
CA GLU B 124 9.91 5.00 -43.23
C GLU B 124 10.39 3.83 -42.37
N GLN B 125 9.45 3.20 -41.63
CA GLN B 125 9.81 2.10 -40.76
C GLN B 125 10.31 0.88 -41.54
N LEU B 126 9.79 0.68 -42.76
CA LEU B 126 10.19 -0.48 -43.54
C LEU B 126 11.67 -0.42 -43.92
N LYS B 127 12.25 0.77 -44.01
CA LYS B 127 13.66 0.89 -44.31
C LYS B 127 14.54 0.37 -43.18
N SER B 128 14.02 0.27 -41.97
CA SER B 128 14.77 -0.25 -40.83
C SER B 128 14.71 -1.77 -40.73
N GLY B 129 13.95 -2.43 -41.60
CA GLY B 129 13.82 -3.87 -41.58
C GLY B 129 12.72 -4.42 -40.69
N THR B 130 12.02 -3.57 -39.95
CA THR B 130 10.94 -3.99 -39.07
C THR B 130 9.63 -3.35 -39.52
N ALA B 131 8.57 -4.14 -39.47
CA ALA B 131 7.23 -3.68 -39.82
C ALA B 131 6.31 -3.84 -38.61
N SER B 132 5.64 -2.77 -38.23
CA SER B 132 4.73 -2.77 -37.09
C SER B 132 3.32 -2.47 -37.57
N VAL B 133 2.40 -3.41 -37.34
CA VAL B 133 1.00 -3.25 -37.69
C VAL B 133 0.21 -3.11 -36.40
N VAL B 134 -0.59 -2.05 -36.30
CA VAL B 134 -1.28 -1.68 -35.07
C VAL B 134 -2.78 -1.74 -35.32
N CYS B 135 -3.49 -2.46 -34.46
CA CYS B 135 -4.95 -2.48 -34.43
C CYS B 135 -5.41 -1.79 -33.16
N LEU B 136 -6.21 -0.75 -33.30
CA LEU B 136 -6.63 0.10 -32.19
C LEU B 136 -8.09 -0.16 -31.85
N LEU B 137 -8.36 -0.40 -30.56
CA LEU B 137 -9.71 -0.51 -30.03
C LEU B 137 -9.98 0.74 -29.20
N ASN B 138 -10.96 1.53 -29.61
CA ASN B 138 -11.18 2.86 -29.07
C ASN B 138 -12.53 2.96 -28.38
N ASN B 139 -12.51 3.42 -27.12
CA ASN B 139 -13.71 3.84 -26.39
C ASN B 139 -14.72 2.70 -26.28
N PHE B 140 -14.32 1.66 -25.53
CA PHE B 140 -15.18 0.51 -25.27
C PHE B 140 -15.31 0.27 -23.77
N TYR B 141 -16.30 -0.54 -23.42
CA TYR B 141 -16.53 -1.00 -22.05
C TYR B 141 -17.33 -2.29 -22.13
N PRO B 142 -17.00 -3.31 -21.33
CA PRO B 142 -15.95 -3.37 -20.31
C PRO B 142 -14.55 -3.55 -20.91
N ARG B 143 -13.52 -3.52 -20.05
CA ARG B 143 -12.15 -3.57 -20.51
C ARG B 143 -11.84 -4.86 -21.26
N GLU B 144 -12.53 -5.94 -20.93
CA GLU B 144 -12.20 -7.25 -21.49
C GLU B 144 -12.52 -7.29 -22.99
N ALA B 145 -11.55 -7.71 -23.78
CA ALA B 145 -11.71 -7.81 -25.23
C ALA B 145 -10.75 -8.84 -25.77
N LYS B 146 -11.05 -9.32 -26.98
CA LYS B 146 -10.23 -10.33 -27.66
C LYS B 146 -9.85 -9.81 -29.03
N VAL B 147 -8.54 -9.76 -29.29
CA VAL B 147 -8.01 -9.32 -30.59
C VAL B 147 -7.05 -10.40 -31.09
N GLN B 148 -7.26 -10.83 -32.33
CA GLN B 148 -6.39 -11.81 -32.96
C GLN B 148 -6.02 -11.34 -34.36
N TRP B 149 -4.80 -11.66 -34.77
CA TRP B 149 -4.26 -11.24 -36.05
C TRP B 149 -4.34 -12.38 -37.05
N LYS B 150 -4.85 -12.09 -38.25
CA LYS B 150 -4.92 -13.06 -39.34
C LYS B 150 -4.08 -12.54 -40.50
N VAL B 151 -2.98 -13.22 -40.79
CA VAL B 151 -2.11 -12.90 -41.91
C VAL B 151 -2.28 -14.00 -42.95
N ASP B 152 -2.77 -13.63 -44.13
CA ASP B 152 -3.13 -14.59 -45.17
C ASP B 152 -4.10 -15.64 -44.64
N ASN B 153 -5.04 -15.19 -43.81
CA ASN B 153 -6.02 -16.05 -43.15
C ASN B 153 -5.32 -17.14 -42.33
N ALA B 154 -4.42 -16.70 -41.45
CA ALA B 154 -3.73 -17.59 -40.53
C ALA B 154 -3.56 -16.88 -39.19
N LEU B 155 -3.96 -17.55 -38.11
CA LEU B 155 -3.89 -16.95 -36.79
C LEU B 155 -2.44 -16.72 -36.39
N GLN B 156 -2.19 -15.60 -35.72
CA GLN B 156 -0.86 -15.20 -35.30
C GLN B 156 -0.80 -15.14 -33.78
N SER B 157 0.29 -15.66 -33.22
CA SER B 157 0.52 -15.61 -31.78
C SER B 157 2.02 -15.51 -31.54
N GLY B 158 2.39 -14.87 -30.42
CA GLY B 158 3.77 -14.69 -30.07
C GLY B 158 4.46 -13.52 -30.73
N ASN B 159 3.76 -12.79 -31.60
CA ASN B 159 4.33 -11.61 -32.27
C ASN B 159 3.47 -10.38 -32.05
N SER B 160 2.63 -10.37 -31.02
CA SER B 160 1.73 -9.25 -30.75
C SER B 160 1.75 -8.93 -29.26
N GLN B 161 1.74 -7.64 -28.95
CA GLN B 161 1.65 -7.15 -27.59
C GLN B 161 0.49 -6.18 -27.49
N GLU B 162 -0.09 -6.09 -26.29
CA GLU B 162 -1.28 -5.28 -26.06
C GLU B 162 -1.04 -4.28 -24.94
N SER B 163 -1.57 -3.07 -25.14
CA SER B 163 -1.56 -2.03 -24.12
C SER B 163 -2.96 -1.45 -24.00
N VAL B 164 -3.39 -1.25 -22.76
CA VAL B 164 -4.72 -0.72 -22.47
C VAL B 164 -4.60 0.54 -21.64
N THR B 165 -5.43 1.54 -21.95
CA THR B 165 -5.54 2.70 -21.10
C THR B 165 -6.38 2.37 -19.88
N GLU B 166 -6.31 3.24 -18.88
CA GLU B 166 -7.14 3.12 -17.70
C GLU B 166 -8.52 3.69 -18.01
N GLN B 167 -9.42 3.60 -17.03
CA GLN B 167 -10.77 4.10 -17.23
C GLN B 167 -10.74 5.61 -17.47
N ASP B 168 -11.44 6.04 -18.52
CA ASP B 168 -11.42 7.44 -18.90
C ASP B 168 -12.05 8.31 -17.81
N SER B 169 -11.44 9.46 -17.57
CA SER B 169 -11.94 10.37 -16.53
C SER B 169 -13.27 11.00 -16.91
N LYS B 170 -13.58 11.08 -18.21
CA LYS B 170 -14.81 11.73 -18.68
C LYS B 170 -15.95 10.75 -18.88
N ASP B 171 -15.76 9.73 -19.73
CA ASP B 171 -16.83 8.81 -20.08
C ASP B 171 -16.62 7.41 -19.53
N SER B 172 -15.61 7.21 -18.67
CA SER B 172 -15.38 5.93 -18.00
C SER B 172 -15.24 4.79 -18.99
N THR B 173 -14.47 5.00 -20.05
CA THR B 173 -14.29 4.03 -21.11
C THR B 173 -12.85 3.51 -21.12
N TYR B 174 -12.60 2.54 -21.99
CA TYR B 174 -11.29 1.92 -22.12
C TYR B 174 -10.87 1.91 -23.58
N SER B 175 -9.56 1.94 -23.80
CA SER B 175 -8.99 1.83 -25.14
C SER B 175 -7.87 0.80 -25.12
N LEU B 176 -7.72 0.08 -26.23
CA LEU B 176 -6.76 -1.02 -26.32
C LEU B 176 -5.94 -0.89 -27.59
N SER B 177 -4.69 -1.34 -27.51
CA SER B 177 -3.79 -1.40 -28.65
C SER B 177 -3.31 -2.82 -28.86
N SER B 178 -2.92 -3.12 -30.09
CA SER B 178 -2.37 -4.43 -30.44
C SER B 178 -1.42 -4.24 -31.60
N THR B 179 -0.12 -4.34 -31.32
CA THR B 179 0.91 -4.13 -32.33
C THR B 179 1.49 -5.48 -32.74
N LEU B 180 1.46 -5.76 -34.04
CA LEU B 180 2.05 -6.98 -34.60
C LEU B 180 3.42 -6.61 -35.16
N THR B 181 4.48 -7.04 -34.46
CA THR B 181 5.84 -6.72 -34.83
C THR B 181 6.44 -7.89 -35.59
N LEU B 182 6.88 -7.64 -36.83
CA LEU B 182 7.52 -8.66 -37.64
C LEU B 182 8.50 -7.98 -38.59
N SER B 183 9.46 -8.77 -39.08
CA SER B 183 10.50 -8.23 -39.93
C SER B 183 9.94 -7.82 -41.28
N LYS B 184 10.70 -6.96 -41.97
CA LYS B 184 10.31 -6.53 -43.31
C LYS B 184 10.27 -7.70 -44.27
N ALA B 185 11.22 -8.63 -44.13
CA ALA B 185 11.24 -9.82 -45.00
C ALA B 185 9.96 -10.63 -44.82
N ASP B 186 9.55 -10.85 -43.57
CA ASP B 186 8.30 -11.56 -43.32
C ASP B 186 7.09 -10.75 -43.78
N TYR B 187 7.19 -9.43 -43.72
CA TYR B 187 6.05 -8.59 -44.10
C TYR B 187 5.80 -8.61 -45.60
N GLU B 188 6.85 -8.76 -46.41
CA GLU B 188 6.72 -8.65 -47.86
C GLU B 188 6.33 -9.95 -48.54
N LYS B 189 6.32 -11.08 -47.84
CA LYS B 189 5.86 -12.34 -48.43
C LYS B 189 4.40 -12.64 -48.14
N HIS B 190 3.68 -11.72 -47.50
CA HIS B 190 2.27 -11.87 -47.21
C HIS B 190 1.52 -10.65 -47.73
N LYS B 191 0.26 -10.86 -48.09
CA LYS B 191 -0.52 -9.83 -48.77
C LYS B 191 -1.57 -9.19 -47.87
N VAL B 192 -2.45 -9.98 -47.27
CA VAL B 192 -3.59 -9.47 -46.50
C VAL B 192 -3.28 -9.56 -45.01
N TYR B 193 -3.50 -8.46 -44.30
CA TYR B 193 -3.26 -8.38 -42.86
C TYR B 193 -4.56 -7.97 -42.18
N ALA B 194 -5.20 -8.91 -41.50
CA ALA B 194 -6.50 -8.70 -40.88
C ALA B 194 -6.38 -8.62 -39.38
N CYS B 195 -7.43 -8.08 -38.75
CA CYS B 195 -7.48 -7.93 -37.30
C CYS B 195 -8.92 -8.18 -36.86
N GLU B 196 -9.16 -9.35 -36.25
CA GLU B 196 -10.48 -9.71 -35.78
C GLU B 196 -10.66 -9.28 -34.33
N VAL B 197 -11.78 -8.61 -34.04
CA VAL B 197 -12.08 -8.09 -32.72
C VAL B 197 -13.40 -8.66 -32.26
N THR B 198 -13.42 -9.23 -31.05
CA THR B 198 -14.63 -9.72 -30.41
C THR B 198 -14.80 -9.02 -29.07
N HIS B 199 -16.04 -8.65 -28.75
CA HIS B 199 -16.32 -7.91 -27.53
C HIS B 199 -17.73 -8.23 -27.07
N GLN B 200 -17.99 -7.96 -25.78
CA GLN B 200 -19.32 -8.21 -25.23
C GLN B 200 -20.38 -7.35 -25.93
N GLY B 201 -20.05 -6.09 -26.21
CA GLY B 201 -20.96 -5.22 -26.92
C GLY B 201 -21.02 -5.41 -28.41
N LEU B 202 -20.19 -6.31 -28.95
CA LEU B 202 -20.20 -6.64 -30.37
C LEU B 202 -21.04 -7.90 -30.56
N SER B 203 -22.20 -7.74 -31.21
CA SER B 203 -23.05 -8.89 -31.50
C SER B 203 -22.35 -9.87 -32.43
N SER B 204 -21.54 -9.36 -33.35
CA SER B 204 -20.74 -10.18 -34.25
C SER B 204 -19.32 -9.66 -34.28
N PRO B 205 -18.34 -10.54 -34.48
CA PRO B 205 -16.95 -10.08 -34.57
C PRO B 205 -16.74 -9.15 -35.75
N VAL B 206 -15.88 -8.15 -35.56
CA VAL B 206 -15.57 -7.17 -36.60
C VAL B 206 -14.14 -7.41 -37.07
N THR B 207 -13.91 -7.18 -38.35
CA THR B 207 -12.60 -7.41 -38.96
C THR B 207 -12.21 -6.21 -39.81
N LYS B 208 -11.00 -5.71 -39.60
CA LYS B 208 -10.43 -4.65 -40.42
C LYS B 208 -9.14 -5.16 -41.04
N SER B 209 -9.07 -5.16 -42.37
CA SER B 209 -7.96 -5.73 -43.09
C SER B 209 -7.50 -4.76 -44.19
N PHE B 210 -6.25 -4.94 -44.61
CA PHE B 210 -5.68 -4.11 -45.66
C PHE B 210 -4.72 -4.95 -46.48
N ASN B 211 -4.46 -4.48 -47.70
CA ASN B 211 -3.50 -5.09 -48.61
C ASN B 211 -2.38 -4.11 -48.88
N ARG B 212 -1.15 -4.61 -48.99
CA ARG B 212 0.01 -3.76 -49.21
C ARG B 212 -0.09 -3.09 -50.57
N GLY B 213 -0.37 -1.79 -50.58
CA GLY B 213 -0.52 -1.04 -51.81
C GLY B 213 -1.90 -0.47 -52.00
N LEU C 71 -24.84 14.20 37.81
CA LEU C 71 -23.56 14.81 38.14
C LEU C 71 -23.48 15.08 39.64
N THR C 72 -22.43 14.55 40.28
CA THR C 72 -22.19 14.75 41.70
C THR C 72 -20.72 15.08 41.89
N ILE C 73 -20.43 16.32 42.31
CA ILE C 73 -19.07 16.77 42.53
C ILE C 73 -18.71 16.55 43.99
N SER C 74 -17.55 15.94 44.23
CA SER C 74 -17.11 15.63 45.58
C SER C 74 -16.85 16.91 46.37
N ASP C 75 -16.69 16.75 47.68
CA ASP C 75 -16.52 17.91 48.57
C ASP C 75 -15.23 18.66 48.26
N ASP C 76 -14.16 17.94 47.96
CA ASP C 76 -12.86 18.56 47.71
C ASP C 76 -12.73 19.15 46.32
N LEU C 77 -13.83 19.24 45.57
CA LEU C 77 -13.84 19.83 44.22
C LEU C 77 -12.81 19.16 43.31
N GLY C 78 -12.72 17.82 43.39
CA GLY C 78 -11.75 17.10 42.61
C GLY C 78 -12.34 16.02 41.72
N GLN C 79 -13.62 15.70 41.93
CA GLN C 79 -14.28 14.63 41.19
C GLN C 79 -15.47 15.19 40.42
N THR C 80 -15.60 14.79 39.16
CA THR C 80 -16.74 15.10 38.31
C THR C 80 -17.36 13.79 37.85
N THR C 81 -18.38 13.32 38.59
CA THR C 81 -19.00 12.03 38.32
C THR C 81 -20.15 12.24 37.34
N LEU C 82 -19.84 12.14 36.04
CA LEU C 82 -20.84 12.27 34.98
C LEU C 82 -21.59 10.95 34.86
N GLU C 83 -22.64 10.81 35.65
CA GLU C 83 -23.46 9.60 35.68
C GLU C 83 -24.85 9.91 35.14
N VAL C 84 -25.40 8.97 34.38
CA VAL C 84 -26.70 9.13 33.75
C VAL C 84 -27.57 7.92 34.10
N PHE C 85 -28.80 8.18 34.52
CA PHE C 85 -29.79 7.14 34.76
C PHE C 85 -30.63 6.92 33.50
N LYS C 86 -31.20 5.72 33.39
CA LYS C 86 -31.98 5.37 32.21
C LYS C 86 -33.19 6.27 32.06
N GLU C 87 -34.15 6.16 32.98
CA GLU C 87 -35.29 7.07 33.03
C GLU C 87 -35.77 7.42 34.44
N ASP C 88 -35.51 6.58 35.44
CA ASP C 88 -36.08 6.76 36.78
C ASP C 88 -35.02 7.00 37.84
N GLY C 89 -33.95 6.20 37.86
CA GLY C 89 -32.93 6.36 38.87
C GLY C 89 -32.53 5.06 39.55
N LYS C 90 -32.94 3.93 38.97
CA LYS C 90 -32.62 2.62 39.51
C LYS C 90 -31.53 1.90 38.72
N THR C 91 -31.69 1.77 37.41
CA THR C 91 -30.74 1.07 36.56
C THR C 91 -29.74 2.06 35.98
N LEU C 92 -28.46 1.86 36.27
CA LEU C 92 -27.42 2.70 35.72
C LEU C 92 -27.18 2.38 34.25
N VAL C 93 -26.71 3.38 33.50
CA VAL C 93 -26.48 3.22 32.08
C VAL C 93 -25.01 3.51 31.76
N SER C 94 -24.57 4.72 32.07
CA SER C 94 -23.19 5.13 31.85
C SER C 94 -22.73 6.02 32.99
N LYS C 95 -21.43 6.01 33.25
CA LYS C 95 -20.86 6.78 34.34
C LYS C 95 -19.41 7.11 34.02
N LYS C 96 -19.06 8.40 34.13
CA LYS C 96 -17.70 8.87 33.93
C LYS C 96 -17.31 9.74 35.12
N VAL C 97 -16.23 9.37 35.80
CA VAL C 97 -15.72 10.12 36.94
C VAL C 97 -14.32 10.59 36.60
N THR C 98 -14.14 11.91 36.54
CA THR C 98 -12.86 12.53 36.21
C THR C 98 -12.23 13.10 37.48
N SER C 99 -11.00 12.68 37.76
CA SER C 99 -10.28 13.14 38.93
C SER C 99 -9.46 14.39 38.60
N LYS C 100 -8.78 14.92 39.61
CA LYS C 100 -7.94 16.10 39.39
C LYS C 100 -6.76 15.79 38.48
N ASP C 101 -6.14 14.62 38.64
CA ASP C 101 -4.93 14.29 37.90
C ASP C 101 -5.25 13.68 36.53
N LYS C 102 -6.12 14.33 35.78
CA LYS C 102 -6.38 14.03 34.37
C LYS C 102 -6.74 12.56 34.15
N SER C 103 -7.36 11.93 35.15
CA SER C 103 -7.68 10.51 35.13
C SER C 103 -9.18 10.32 35.19
N SER C 104 -9.69 9.40 34.38
CA SER C 104 -11.12 9.15 34.28
C SER C 104 -11.38 7.65 34.28
N THR C 105 -12.61 7.28 34.64
CA THR C 105 -13.04 5.88 34.68
C THR C 105 -14.43 5.81 34.06
N GLU C 106 -14.49 5.47 32.77
CA GLU C 106 -15.75 5.34 32.06
C GLU C 106 -16.32 3.94 32.24
N GLU C 107 -17.59 3.86 32.60
CA GLU C 107 -18.27 2.59 32.82
C GLU C 107 -19.60 2.57 32.10
N LYS C 108 -19.90 1.45 31.45
CA LYS C 108 -21.18 1.22 30.80
C LYS C 108 -21.84 -0.02 31.39
N PHE C 109 -23.16 -0.07 31.31
CA PHE C 109 -23.94 -1.08 32.00
C PHE C 109 -24.90 -1.76 31.05
N ASN C 110 -25.54 -2.83 31.53
CA ASN C 110 -26.36 -3.71 30.73
C ASN C 110 -27.81 -3.68 31.23
N GLU C 111 -28.63 -4.59 30.70
CA GLU C 111 -30.04 -4.65 31.07
C GLU C 111 -30.22 -4.92 32.56
N LYS C 112 -29.27 -5.60 33.18
CA LYS C 112 -29.32 -5.86 34.62
C LYS C 112 -28.83 -4.64 35.41
N GLY C 113 -27.58 -4.25 35.17
CA GLY C 113 -26.97 -3.18 35.94
C GLY C 113 -25.55 -3.51 36.34
N GLU C 114 -25.07 -4.68 35.91
CA GLU C 114 -23.68 -5.05 36.13
C GLU C 114 -22.79 -4.39 35.08
N VAL C 115 -21.52 -4.21 35.44
CA VAL C 115 -20.60 -3.47 34.57
C VAL C 115 -20.40 -4.24 33.27
N SER C 116 -20.58 -3.55 32.15
CA SER C 116 -20.38 -4.11 30.83
C SER C 116 -19.06 -3.70 30.21
N GLU C 117 -18.63 -2.46 30.42
CA GLU C 117 -17.33 -1.99 29.97
C GLU C 117 -16.74 -1.09 31.04
N LYS C 118 -15.41 -1.03 31.09
CA LYS C 118 -14.72 -0.24 32.10
C LYS C 118 -13.45 0.30 31.47
N ILE C 119 -13.47 1.57 31.06
CA ILE C 119 -12.31 2.24 30.50
C ILE C 119 -11.72 3.10 31.61
N ILE C 120 -10.48 2.81 31.99
CA ILE C 120 -9.78 3.52 33.07
C ILE C 120 -8.58 4.22 32.46
N THR C 121 -8.48 5.52 32.68
CA THR C 121 -7.40 6.34 32.16
C THR C 121 -6.51 6.80 33.31
N ARG C 122 -5.21 6.61 33.17
CA ARG C 122 -4.26 7.07 34.17
C ARG C 122 -3.87 8.53 33.90
N ALA C 123 -3.01 9.07 34.76
CA ALA C 123 -2.61 10.46 34.63
C ALA C 123 -1.74 10.69 33.39
N ASP C 124 -0.98 9.68 32.97
CA ASP C 124 -0.06 9.81 31.86
C ASP C 124 -0.72 9.56 30.50
N GLY C 125 -2.02 9.24 30.48
CA GLY C 125 -2.73 9.00 29.24
C GLY C 125 -2.85 7.55 28.83
N THR C 126 -2.10 6.65 29.47
CA THR C 126 -2.24 5.24 29.17
C THR C 126 -3.53 4.70 29.77
N ARG C 127 -4.32 4.04 28.94
CA ARG C 127 -5.65 3.56 29.33
C ARG C 127 -5.64 2.05 29.48
N LEU C 128 -6.54 1.56 30.34
CA LEU C 128 -6.78 0.13 30.54
C LEU C 128 -8.25 -0.12 30.20
N GLU C 129 -8.51 -0.64 29.01
CA GLU C 129 -9.85 -0.76 28.47
C GLU C 129 -10.37 -2.19 28.64
N TYR C 130 -11.53 -2.32 29.28
CA TYR C 130 -12.22 -3.59 29.39
C TYR C 130 -13.55 -3.51 28.67
N THR C 131 -13.80 -4.46 27.78
CA THR C 131 -15.01 -4.48 26.97
C THR C 131 -15.64 -5.85 27.01
N GLY C 132 -16.96 -5.88 26.78
CA GLY C 132 -17.68 -7.15 26.71
C GLY C 132 -17.66 -7.95 28.00
N ILE C 133 -17.87 -7.28 29.14
CA ILE C 133 -17.87 -7.97 30.42
C ILE C 133 -19.14 -8.80 30.54
N LYS C 134 -18.97 -10.09 30.77
CA LYS C 134 -20.11 -11.00 30.90
C LYS C 134 -20.61 -10.99 32.35
N SER C 135 -21.69 -11.73 32.59
CA SER C 135 -22.26 -11.80 33.93
C SER C 135 -21.35 -12.51 34.91
N ASP C 136 -20.62 -13.54 34.45
CA ASP C 136 -19.76 -14.32 35.33
C ASP C 136 -18.55 -13.55 35.83
N GLY C 137 -18.26 -12.38 35.26
CA GLY C 137 -17.08 -11.63 35.61
C GLY C 137 -15.93 -11.72 34.63
N SER C 138 -16.17 -12.23 33.42
CA SER C 138 -15.15 -12.31 32.38
C SER C 138 -15.25 -11.10 31.47
N GLY C 139 -14.52 -11.12 30.37
CA GLY C 139 -14.58 -10.03 29.41
C GLY C 139 -13.31 -9.95 28.60
N LYS C 140 -13.29 -8.95 27.71
CA LYS C 140 -12.14 -8.68 26.84
C LYS C 140 -11.28 -7.59 27.46
N ALA C 141 -9.96 -7.78 27.38
CA ALA C 141 -9.01 -6.88 28.01
C ALA C 141 -8.02 -6.36 26.99
N LYS C 142 -7.66 -5.07 27.11
CA LYS C 142 -6.65 -4.46 26.26
C LYS C 142 -6.09 -3.25 26.99
N GLU C 143 -4.77 -3.09 26.91
CA GLU C 143 -4.07 -1.96 27.51
C GLU C 143 -3.39 -1.18 26.39
N VAL C 144 -3.75 0.09 26.25
CA VAL C 144 -3.17 0.94 25.22
C VAL C 144 -2.00 1.73 25.82
N LEU C 145 -0.88 1.76 25.09
CA LEU C 145 0.32 2.44 25.52
C LEU C 145 0.90 3.22 24.36
N LYS C 146 1.93 4.00 24.65
CA LYS C 146 2.56 4.86 23.65
C LYS C 146 3.32 3.98 22.65
N GLY C 147 2.73 3.78 21.47
CA GLY C 147 3.37 3.06 20.39
C GLY C 147 2.93 1.62 20.23
N TYR C 148 2.32 1.02 21.24
CA TYR C 148 1.91 -0.37 21.16
C TYR C 148 0.81 -0.63 22.18
N VAL C 149 0.10 -1.74 21.98
CA VAL C 149 -1.00 -2.15 22.87
C VAL C 149 -0.79 -3.59 23.28
N LEU C 150 -1.30 -3.92 24.47
CA LEU C 150 -1.28 -5.28 25.00
C LEU C 150 -2.71 -5.75 25.20
N GLU C 151 -3.05 -6.89 24.61
CA GLU C 151 -4.41 -7.41 24.64
C GLU C 151 -4.45 -8.75 25.35
N GLY C 152 -5.58 -9.02 26.00
CA GLY C 152 -5.76 -10.26 26.72
C GLY C 152 -7.18 -10.53 27.16
N THR C 153 -7.34 -11.09 28.36
CA THR C 153 -8.65 -11.48 28.88
C THR C 153 -8.71 -11.21 30.38
N LEU C 154 -9.87 -10.76 30.85
CA LEU C 154 -10.12 -10.56 32.27
C LEU C 154 -11.02 -11.68 32.80
N THR C 155 -10.72 -12.14 33.99
CA THR C 155 -11.54 -13.11 34.70
C THR C 155 -11.78 -12.60 36.11
N ALA C 156 -12.74 -13.20 36.81
CA ALA C 156 -13.03 -12.81 38.18
C ALA C 156 -11.83 -12.98 39.11
N GLU C 157 -10.76 -13.60 38.65
CA GLU C 157 -9.54 -13.75 39.44
C GLU C 157 -8.55 -12.61 39.16
N LYS C 158 -8.05 -12.53 37.92
CA LYS C 158 -7.05 -11.55 37.53
C LYS C 158 -7.15 -11.32 36.03
N THR C 159 -6.37 -10.36 35.54
CA THR C 159 -6.29 -10.05 34.12
C THR C 159 -4.94 -10.52 33.57
N THR C 160 -4.96 -11.07 32.36
CA THR C 160 -3.76 -11.54 31.68
C THR C 160 -3.64 -10.86 30.33
N LEU C 161 -2.45 -10.34 30.03
CA LEU C 161 -2.11 -9.78 28.73
C LEU C 161 -1.01 -10.62 28.12
N VAL C 162 -1.20 -11.05 26.87
CA VAL C 162 -0.38 -12.09 26.26
C VAL C 162 0.33 -11.53 25.05
N VAL C 163 1.65 -11.76 24.99
CA VAL C 163 2.46 -11.53 23.80
C VAL C 163 3.14 -12.85 23.45
N LYS C 164 3.04 -13.26 22.19
CA LYS C 164 3.56 -14.55 21.76
C LYS C 164 4.61 -14.36 20.67
N GLU C 165 5.69 -15.13 20.76
CA GLU C 165 6.75 -15.12 19.76
C GLU C 165 7.33 -16.52 19.68
N GLY C 166 7.05 -17.22 18.57
CA GLY C 166 7.51 -18.60 18.45
C GLY C 166 6.86 -19.47 19.49
N THR C 167 7.70 -20.20 20.24
CA THR C 167 7.24 -21.06 21.32
C THR C 167 7.21 -20.37 22.66
N VAL C 168 7.53 -19.07 22.71
CA VAL C 168 7.59 -18.31 23.96
C VAL C 168 6.37 -17.41 24.05
N THR C 169 5.66 -17.48 25.17
CA THR C 169 4.51 -16.63 25.45
C THR C 169 4.79 -15.81 26.69
N LEU C 170 4.59 -14.50 26.59
CA LEU C 170 4.79 -13.58 27.70
C LEU C 170 3.44 -13.13 28.24
N SER C 171 3.24 -13.28 29.55
CA SER C 171 1.97 -12.97 30.19
C SER C 171 2.17 -11.87 31.22
N LYS C 172 1.36 -10.82 31.14
CA LYS C 172 1.33 -9.75 32.12
C LYS C 172 0.05 -9.87 32.94
N ASN C 173 0.20 -9.96 34.26
CA ASN C 173 -0.92 -10.19 35.16
C ASN C 173 -1.18 -8.95 36.01
N ILE C 174 -2.44 -8.52 36.05
CA ILE C 174 -2.87 -7.39 36.87
C ILE C 174 -3.96 -7.91 37.79
N SER C 175 -3.66 -7.98 39.09
CA SER C 175 -4.62 -8.47 40.07
C SER C 175 -5.69 -7.41 40.35
N LYS C 176 -6.75 -7.85 41.03
CA LYS C 176 -7.81 -6.93 41.41
C LYS C 176 -7.34 -5.89 42.42
N SER C 177 -6.22 -6.14 43.10
CA SER C 177 -5.64 -5.19 44.04
C SER C 177 -4.61 -4.28 43.39
N GLY C 178 -4.42 -4.37 42.08
CA GLY C 178 -3.42 -3.59 41.38
C GLY C 178 -2.03 -4.20 41.35
N GLU C 179 -1.85 -5.39 41.93
CA GLU C 179 -0.55 -6.05 41.92
C GLU C 179 -0.22 -6.53 40.51
N VAL C 180 0.79 -5.93 39.90
CA VAL C 180 1.21 -6.28 38.55
C VAL C 180 2.20 -7.43 38.63
N SER C 181 1.93 -8.49 37.85
CA SER C 181 2.78 -9.67 37.81
C SER C 181 3.08 -10.02 36.35
N VAL C 182 4.28 -10.54 36.12
CA VAL C 182 4.75 -10.91 34.79
C VAL C 182 5.28 -12.33 34.83
N GLU C 183 4.89 -13.15 33.85
CA GLU C 183 5.34 -14.52 33.75
C GLU C 183 5.69 -14.84 32.31
N LEU C 184 6.60 -15.79 32.14
CA LEU C 184 7.07 -16.22 30.82
C LEU C 184 7.11 -17.74 30.77
N ASN C 185 6.83 -18.29 29.59
CA ASN C 185 6.83 -19.72 29.39
C ASN C 185 7.30 -20.04 27.98
N ASP C 186 8.15 -21.06 27.86
CA ASP C 186 8.65 -21.54 26.58
C ASP C 186 8.34 -23.02 26.46
N THR C 187 7.69 -23.40 25.36
CA THR C 187 7.27 -24.79 25.15
C THR C 187 8.36 -25.65 24.52
N ASP C 188 9.47 -25.07 24.10
CA ASP C 188 10.58 -25.85 23.56
C ASP C 188 11.12 -26.78 24.63
N SER C 189 11.45 -28.01 24.23
CA SER C 189 11.95 -29.01 25.17
C SER C 189 13.47 -29.04 25.25
N SER C 190 14.17 -28.24 24.43
CA SER C 190 15.62 -28.21 24.48
C SER C 190 16.09 -27.46 25.72
N ALA C 191 17.05 -28.06 26.44
CA ALA C 191 17.54 -27.46 27.67
C ALA C 191 18.42 -26.24 27.44
N ALA C 192 18.86 -26.00 26.21
CA ALA C 192 19.76 -24.90 25.92
C ALA C 192 19.01 -23.63 25.48
N THR C 193 18.20 -23.74 24.44
CA THR C 193 17.55 -22.58 23.84
C THR C 193 16.28 -22.16 24.58
N LYS C 194 15.77 -22.98 25.50
CA LYS C 194 14.55 -22.62 26.22
C LYS C 194 14.78 -21.41 27.11
N LYS C 195 13.79 -20.53 27.17
CA LYS C 195 13.85 -19.33 28.00
C LYS C 195 13.05 -19.53 29.27
N THR C 196 13.59 -19.04 30.38
CA THR C 196 12.89 -19.01 31.66
C THR C 196 13.05 -17.64 32.28
N ALA C 197 12.09 -17.27 33.12
CA ALA C 197 12.06 -15.93 33.69
C ALA C 197 11.75 -15.99 35.18
N ALA C 198 12.31 -15.04 35.92
CA ALA C 198 12.04 -14.85 37.33
C ALA C 198 11.53 -13.45 37.56
N TRP C 199 10.46 -13.31 38.34
CA TRP C 199 9.79 -12.04 38.55
C TRP C 199 10.16 -11.46 39.90
N ASN C 200 10.63 -10.22 39.91
CA ASN C 200 10.97 -9.51 41.13
C ASN C 200 9.84 -8.53 41.45
N SER C 201 9.26 -8.66 42.65
CA SER C 201 8.16 -7.79 43.03
C SER C 201 8.64 -6.37 43.33
N GLY C 202 9.70 -6.25 44.12
CA GLY C 202 10.14 -4.93 44.55
C GLY C 202 10.69 -4.09 43.40
N THR C 203 11.53 -4.69 42.56
CA THR C 203 12.13 -3.97 41.45
C THR C 203 11.22 -3.93 40.23
N SER C 204 10.27 -4.86 40.13
CA SER C 204 9.32 -4.95 39.02
C SER C 204 10.05 -5.23 37.71
N THR C 205 10.98 -6.17 37.75
CA THR C 205 11.78 -6.57 36.60
C THR C 205 11.64 -8.06 36.37
N LEU C 206 11.38 -8.42 35.11
CA LEU C 206 11.37 -9.83 34.69
C LEU C 206 12.72 -10.15 34.08
N THR C 207 13.42 -11.12 34.65
CA THR C 207 14.78 -11.46 34.23
C THR C 207 14.73 -12.76 33.42
N ILE C 208 15.01 -12.65 32.12
CA ILE C 208 14.99 -13.80 31.23
C ILE C 208 16.32 -14.54 31.35
N THR C 209 16.25 -15.85 31.59
CA THR C 209 17.44 -16.69 31.72
C THR C 209 17.46 -17.70 30.58
N VAL C 210 18.60 -17.78 29.89
CA VAL C 210 18.79 -18.71 28.79
C VAL C 210 20.06 -19.51 29.06
N ASN C 211 19.97 -20.83 28.96
CA ASN C 211 21.10 -21.73 29.22
C ASN C 211 21.68 -21.49 30.62
N SER C 212 20.78 -21.32 31.59
CA SER C 212 21.14 -21.07 32.99
C SER C 212 22.02 -19.83 33.14
N LYS C 213 21.88 -18.86 32.24
CA LYS C 213 22.57 -17.59 32.34
C LYS C 213 21.59 -16.47 31.98
N LYS C 214 21.72 -15.34 32.66
CA LYS C 214 20.80 -14.22 32.47
C LYS C 214 21.15 -13.48 31.18
N THR C 215 20.13 -13.18 30.39
CA THR C 215 20.30 -12.53 29.09
C THR C 215 19.70 -11.13 29.04
N LYS C 216 18.47 -10.95 29.52
CA LYS C 216 17.79 -9.67 29.40
C LYS C 216 17.10 -9.34 30.72
N ASP C 217 16.88 -8.05 30.94
CA ASP C 217 16.12 -7.53 32.06
C ASP C 217 14.91 -6.77 31.53
N LEU C 218 13.73 -7.05 32.09
CA LEU C 218 12.48 -6.45 31.65
C LEU C 218 11.87 -5.72 32.84
N VAL C 219 12.27 -4.47 33.03
CA VAL C 219 11.74 -3.67 34.12
C VAL C 219 10.45 -3.00 33.67
N PHE C 220 9.39 -3.19 34.45
CA PHE C 220 8.07 -2.65 34.12
C PHE C 220 7.86 -1.41 34.99
N THR C 221 8.11 -0.25 34.41
CA THR C 221 8.14 0.99 35.16
C THR C 221 6.73 1.40 35.61
N LYS C 222 6.68 2.20 36.67
CA LYS C 222 5.42 2.75 37.14
C LYS C 222 4.85 3.80 36.19
N GLU C 223 5.64 4.24 35.20
CA GLU C 223 5.18 5.15 34.17
C GLU C 223 4.49 4.42 33.01
N ASN C 224 4.20 3.14 33.18
CA ASN C 224 3.50 2.33 32.18
C ASN C 224 4.29 2.26 30.88
N THR C 225 5.50 1.69 30.99
CA THR C 225 6.32 1.42 29.82
C THR C 225 7.20 0.21 30.12
N ILE C 226 7.66 -0.45 29.07
CA ILE C 226 8.50 -1.64 29.17
C ILE C 226 9.91 -1.27 28.73
N THR C 227 10.90 -1.62 29.54
CA THR C 227 12.28 -1.23 29.31
C THR C 227 13.17 -2.47 29.35
N VAL C 228 14.10 -2.56 28.39
CA VAL C 228 14.96 -3.73 28.24
C VAL C 228 16.41 -3.31 28.44
N GLN C 229 17.12 -4.07 29.28
CA GLN C 229 18.56 -3.93 29.45
C GLN C 229 19.20 -5.30 29.31
N GLN C 230 20.21 -5.40 28.46
CA GLN C 230 20.85 -6.68 28.17
C GLN C 230 22.03 -6.93 29.12
N TYR C 231 22.30 -8.21 29.35
CA TYR C 231 23.42 -8.62 30.18
C TYR C 231 24.65 -8.87 29.31
N ASP C 232 25.77 -9.15 29.98
CA ASP C 232 27.02 -9.46 29.28
C ASP C 232 26.97 -10.90 28.77
N SER C 233 28.08 -11.37 28.21
CA SER C 233 28.13 -12.71 27.65
C SER C 233 28.07 -13.79 28.71
N ASN C 234 28.28 -13.45 29.98
CA ASN C 234 28.25 -14.42 31.07
C ASN C 234 27.07 -14.22 32.01
N GLY C 235 26.27 -13.17 31.82
CA GLY C 235 25.14 -12.94 32.70
C GLY C 235 25.51 -12.42 34.06
N THR C 236 26.71 -11.87 34.22
CA THR C 236 27.14 -11.36 35.52
C THR C 236 26.41 -10.07 35.88
N LYS C 237 26.29 -9.14 34.93
CA LYS C 237 25.66 -7.86 35.18
C LYS C 237 25.19 -7.28 33.86
N LEU C 238 24.18 -6.41 33.95
CA LEU C 238 23.69 -5.71 32.76
C LEU C 238 24.74 -4.73 32.25
N GLU C 239 24.71 -4.46 30.95
CA GLU C 239 25.70 -3.64 30.29
C GLU C 239 25.04 -2.51 29.52
N GLY C 240 25.81 -1.46 29.25
CA GLY C 240 25.30 -0.34 28.50
C GLY C 240 24.20 0.40 29.24
N SER C 241 23.17 0.81 28.50
CA SER C 241 22.04 1.52 29.06
C SER C 241 20.76 0.82 28.68
N ALA C 242 19.74 0.97 29.53
CA ALA C 242 18.45 0.35 29.29
C ALA C 242 17.62 1.21 28.35
N VAL C 243 17.10 0.57 27.29
CA VAL C 243 16.34 1.27 26.27
C VAL C 243 14.85 1.01 26.46
N GLU C 244 14.04 1.93 25.95
CA GLU C 244 12.59 1.84 26.09
C GLU C 244 11.97 1.31 24.80
N ILE C 245 10.82 0.65 24.96
CA ILE C 245 10.13 0.00 23.85
C ILE C 245 9.03 0.94 23.34
N THR C 246 8.98 1.12 22.02
CA THR C 246 7.97 1.96 21.38
C THR C 246 7.17 1.23 20.32
N LYS C 247 7.46 -0.05 20.06
CA LYS C 247 6.73 -0.83 19.07
C LYS C 247 6.53 -2.24 19.59
N LEU C 248 5.40 -2.85 19.20
CA LEU C 248 5.11 -4.21 19.64
C LEU C 248 6.10 -5.20 19.09
N ASP C 249 6.65 -4.95 17.90
CA ASP C 249 7.64 -5.84 17.31
C ASP C 249 8.89 -5.92 18.18
N GLU C 250 9.21 -4.84 18.91
CA GLU C 250 10.38 -4.85 19.79
C GLU C 250 10.22 -5.87 20.90
N ILE C 251 9.02 -5.98 21.47
CA ILE C 251 8.77 -6.97 22.52
C ILE C 251 8.94 -8.38 21.98
N LYS C 252 8.43 -8.63 20.77
CA LYS C 252 8.60 -9.94 20.16
C LYS C 252 10.07 -10.25 19.91
N ASN C 253 10.85 -9.24 19.52
CA ASN C 253 12.27 -9.44 19.28
C ASN C 253 13.01 -9.85 20.54
N ALA C 254 12.52 -9.41 21.71
CA ALA C 254 13.18 -9.75 22.96
C ALA C 254 12.95 -11.20 23.38
N LEU C 255 11.89 -11.83 22.89
CA LEU C 255 11.55 -13.19 23.29
C LEU C 255 12.09 -14.24 22.34
N LYS C 256 12.84 -13.86 21.32
CA LYS C 256 13.42 -14.82 20.38
C LYS C 256 14.62 -15.52 21.00
C1 EDO D . -0.83 10.60 20.15
O1 EDO D . -1.71 10.47 21.28
C2 EDO D . -1.21 9.55 19.10
O2 EDO D . -0.32 9.64 17.99
CL CL E . -5.82 2.32 19.86
CL CL F . 17.01 -13.45 -1.08
CL CL G . 21.66 4.83 12.05
CL CL H . -4.15 8.41 -3.95
CL CL I . -4.14 -4.64 -8.44
CL CL J . -8.00 -6.89 -22.42
CL CL K . -26.92 -1.66 5.77
CL CL L . 1.00 -11.01 19.66
#